data_3GZ3
#
_entry.id   3GZ3
#
_cell.length_a   142.167
_cell.length_b   142.167
_cell.length_c   69.157
_cell.angle_alpha   90.00
_cell.angle_beta   90.00
_cell.angle_gamma   120.00
#
_symmetry.space_group_name_H-M   'P 61'
#
loop_
_entity.id
_entity.type
_entity.pdbx_description
1 polymer 'Dihydroorotate dehydrogenase, putative'
2 non-polymer 'FLAVIN MONONUCLEOTIDE'
3 non-polymer 'OROTIC ACID'
4 non-polymer GLYCEROL
5 water water
#
_entity_poly.entity_id   1
_entity_poly.type   'polypeptide(L)'
_entity_poly.pdbx_seq_one_letter_code
;MGSSHHHHHHSSGLVPAGSHMASMTGGQQMGRGSMSLQVNLLNNTFANPFMNAAGVMCTTTEELVAMTESASGSLVSKSC
TPALREGNPTPRYQALPLGSINSMGLPNNGFDFYLAYAAEQHDYGKKPLFLSMSGLSMRENVEMCKRLAAVATEKGVILE
LNLSCPNVPGKPQVAYDFDAMRQCLTAVSEVYPHSFGVKMPPYFDFAHFDAAAEILNEFPKVQFITCINSIGNGLVIDAE
TESVVIKPKQGFGGLGGRYVLPTALANINAFYRRCPGKLIFGCGGVYTGEDAFLHVLAGASMVQVGTALQEEGPSIFERL
TSELLGVMAKKRYQTLDEFRGKVRTLDGTAESTR
;
_entity_poly.pdbx_strand_id   A,B
#
loop_
_chem_comp.id
_chem_comp.type
_chem_comp.name
_chem_comp.formula
FMN non-polymer 'FLAVIN MONONUCLEOTIDE' 'C17 H21 N4 O9 P'
GOL non-polymer GLYCEROL 'C3 H8 O3'
ORO non-polymer 'OROTIC ACID' 'C5 H4 N2 O4'
#
# COMPACT_ATOMS: atom_id res chain seq x y z
N MET A 35 -22.21 23.21 17.31
CA MET A 35 -21.39 22.11 16.71
C MET A 35 -21.94 20.72 16.99
N SER A 36 -21.91 19.86 15.97
CA SER A 36 -22.46 18.52 16.08
C SER A 36 -21.69 17.52 15.23
N LEU A 37 -21.37 16.38 15.83
CA LEU A 37 -20.77 15.26 15.10
C LEU A 37 -21.82 14.26 14.62
N GLN A 38 -23.10 14.64 14.76
CA GLN A 38 -24.18 13.74 14.38
C GLN A 38 -24.12 13.33 12.91
N VAL A 39 -24.46 12.07 12.68
CA VAL A 39 -24.51 11.49 11.36
C VAL A 39 -25.86 10.80 11.22
N ASN A 40 -26.56 11.09 10.14
CA ASN A 40 -27.81 10.40 9.83
C ASN A 40 -27.65 9.62 8.55
N LEU A 41 -27.73 8.30 8.68
CA LEU A 41 -27.64 7.41 7.53
C LEU A 41 -28.21 6.05 7.87
N LEU A 42 -28.58 5.29 6.83
CA LEU A 42 -29.14 3.95 6.96
C LEU A 42 -30.31 3.89 7.93
N ASN A 43 -31.17 4.91 7.86
CA ASN A 43 -32.36 5.01 8.70
C ASN A 43 -31.99 5.02 10.19
N ASN A 44 -30.82 5.56 10.49
CA ASN A 44 -30.28 5.61 11.84
C ASN A 44 -29.68 6.96 12.15
N THR A 45 -29.63 7.29 13.43
CA THR A 45 -28.95 8.47 13.90
C THR A 45 -27.76 8.02 14.71
N PHE A 46 -26.60 8.61 14.42
CA PHE A 46 -25.36 8.32 15.11
C PHE A 46 -24.93 9.58 15.80
N ALA A 47 -24.53 9.47 17.06
CA ALA A 47 -24.08 10.63 17.84
C ALA A 47 -22.80 11.24 17.27
N ASN A 48 -21.99 10.39 16.66
CA ASN A 48 -20.76 10.83 16.00
C ASN A 48 -20.34 9.77 14.98
N PRO A 49 -19.41 10.11 14.08
CA PRO A 49 -19.03 9.19 13.00
C PRO A 49 -18.17 8.00 13.44
N PHE A 50 -17.70 8.01 14.69
CA PHE A 50 -16.69 7.03 15.11
C PHE A 50 -17.22 5.67 15.46
N MET A 51 -16.47 4.65 15.05
CA MET A 51 -16.73 3.27 15.45
C MET A 51 -15.41 2.53 15.41
N ASN A 52 -15.40 1.31 15.94
CA ASN A 52 -14.21 0.48 15.78
C ASN A 52 -14.16 0.00 14.32
N ALA A 53 -12.96 -0.32 13.85
CA ALA A 53 -12.80 -1.10 12.63
C ALA A 53 -13.14 -2.56 12.98
N ALA A 54 -13.77 -3.26 12.06
CA ALA A 54 -14.12 -4.66 12.29
C ALA A 54 -12.86 -5.42 12.67
N GLY A 55 -12.99 -6.32 13.64
CA GLY A 55 -11.84 -7.11 14.08
C GLY A 55 -11.06 -6.49 15.23
N VAL A 56 -11.22 -5.20 15.45
CA VAL A 56 -10.52 -4.55 16.56
C VAL A 56 -11.49 -4.35 17.72
N MET A 57 -11.16 -5.00 18.82
CA MET A 57 -11.86 -4.86 20.09
C MET A 57 -13.37 -5.07 19.97
N CYS A 58 -13.74 -6.20 19.38
CA CYS A 58 -15.14 -6.46 19.06
C CYS A 58 -15.39 -7.96 18.86
N THR A 59 -14.59 -8.78 19.50
CA THR A 59 -14.70 -10.24 19.34
C THR A 59 -15.54 -10.86 20.46
N THR A 60 -15.30 -10.41 21.69
CA THR A 60 -15.94 -11.02 22.86
C THR A 60 -17.11 -10.18 23.32
N THR A 61 -17.99 -10.79 24.12
CA THR A 61 -19.07 -10.05 24.76
C THR A 61 -18.53 -8.81 25.48
N GLU A 62 -17.48 -8.99 26.28
CA GLU A 62 -16.86 -7.89 27.01
C GLU A 62 -16.48 -6.74 26.07
N GLU A 63 -15.87 -7.09 24.93
CA GLU A 63 -15.45 -6.10 23.96
C GLU A 63 -16.61 -5.37 23.32
N LEU A 64 -17.64 -6.12 22.95
CA LEU A 64 -18.85 -5.55 22.35
C LEU A 64 -19.54 -4.62 23.32
N VAL A 65 -19.67 -5.07 24.57
CA VAL A 65 -20.21 -4.25 25.65
C VAL A 65 -19.39 -2.96 25.83
N ALA A 66 -18.06 -3.09 25.88
CA ALA A 66 -17.15 -1.95 26.05
C ALA A 66 -17.29 -0.95 24.91
N MET A 67 -17.45 -1.46 23.68
CA MET A 67 -17.70 -0.60 22.52
C MET A 67 -19.04 0.10 22.62
N THR A 68 -20.07 -0.62 23.05
CA THR A 68 -21.39 -0.03 23.23
C THR A 68 -21.38 1.07 24.32
N GLU A 69 -20.62 0.81 25.39
CA GLU A 69 -20.51 1.75 26.51
CA GLU A 69 -20.51 1.75 26.51
C GLU A 69 -19.60 2.94 26.19
N SER A 70 -18.78 2.80 25.14
CA SER A 70 -17.84 3.86 24.76
C SER A 70 -18.55 5.06 24.16
N ALA A 71 -17.79 6.13 23.94
CA ALA A 71 -18.26 7.35 23.30
C ALA A 71 -18.46 7.21 21.78
N SER A 72 -18.12 6.06 21.22
CA SER A 72 -18.24 5.83 19.78
C SER A 72 -19.67 6.00 19.30
N GLY A 73 -19.82 6.44 18.05
CA GLY A 73 -21.12 6.59 17.43
C GLY A 73 -21.76 5.27 17.06
N SER A 74 -20.91 4.25 16.85
CA SER A 74 -21.38 2.91 16.53
C SER A 74 -20.30 1.89 16.84
N LEU A 75 -20.54 0.66 16.44
CA LEU A 75 -19.57 -0.41 16.59
C LEU A 75 -19.88 -1.45 15.54
N VAL A 76 -18.88 -2.27 15.24
CA VAL A 76 -19.06 -3.38 14.34
C VAL A 76 -18.48 -4.61 15.02
N SER A 77 -19.19 -5.73 14.94
CA SER A 77 -18.71 -6.96 15.56
C SER A 77 -17.61 -7.58 14.70
N LYS A 78 -16.72 -8.37 15.32
CA LYS A 78 -15.66 -9.09 14.61
C LYS A 78 -16.19 -9.86 13.41
N SER A 79 -15.52 -9.73 12.28
CA SER A 79 -15.88 -10.49 11.07
C SER A 79 -16.03 -11.96 11.42
N CYS A 80 -17.22 -12.50 11.14
CA CYS A 80 -17.54 -13.82 11.62
C CYS A 80 -17.56 -14.85 10.51
N THR A 81 -17.32 -16.09 10.93
CA THR A 81 -17.50 -17.24 10.07
C THR A 81 -18.64 -18.06 10.69
N PRO A 82 -19.21 -19.02 9.94
CA PRO A 82 -20.33 -19.78 10.48
C PRO A 82 -20.06 -20.38 11.87
N ALA A 83 -18.86 -20.92 12.07
CA ALA A 83 -18.45 -21.52 13.33
C ALA A 83 -17.29 -20.76 13.95
N LEU A 84 -17.12 -20.89 15.26
CA LEU A 84 -15.96 -20.28 15.93
C LEU A 84 -14.67 -20.68 15.22
N ARG A 85 -13.71 -19.76 15.24
CA ARG A 85 -12.39 -19.97 14.64
C ARG A 85 -11.37 -19.54 15.64
N GLU A 86 -10.36 -20.38 15.85
CA GLU A 86 -9.24 -20.07 16.73
C GLU A 86 -8.35 -18.96 16.14
N GLY A 87 -8.28 -18.91 14.81
CA GLY A 87 -7.39 -17.96 14.13
C GLY A 87 -5.97 -18.50 14.06
N ASN A 88 -5.05 -17.66 13.60
CA ASN A 88 -3.67 -18.09 13.35
C ASN A 88 -2.83 -18.22 14.63
N PRO A 89 -1.71 -18.95 14.55
CA PRO A 89 -0.80 -19.01 15.70
C PRO A 89 -0.21 -17.63 16.02
N THR A 90 0.11 -17.42 17.28
CA THR A 90 0.67 -16.16 17.76
C THR A 90 2.19 -16.21 17.69
N PRO A 91 2.86 -15.03 17.62
CA PRO A 91 2.27 -13.70 17.53
C PRO A 91 1.64 -13.49 16.14
N ARG A 92 0.49 -12.85 16.13
CA ARG A 92 -0.22 -12.64 14.87
C ARG A 92 -0.62 -11.18 14.73
N TYR A 93 -0.27 -10.39 15.74
CA TYR A 93 -0.44 -8.94 15.73
C TYR A 93 0.81 -8.31 16.32
N GLN A 94 1.28 -7.25 15.68
CA GLN A 94 2.36 -6.45 16.23
C GLN A 94 2.08 -4.97 16.03
N ALA A 95 1.99 -4.23 17.13
CA ALA A 95 1.98 -2.77 17.10
C ALA A 95 3.35 -2.28 16.68
N LEU A 96 3.37 -1.20 15.91
CA LEU A 96 4.58 -0.65 15.30
C LEU A 96 4.56 0.88 15.46
N PRO A 97 5.74 1.51 15.41
CA PRO A 97 5.79 2.99 15.44
C PRO A 97 4.83 3.63 14.44
N LEU A 98 4.73 3.06 13.24
CA LEU A 98 3.90 3.65 12.18
C LEU A 98 2.60 2.92 11.94
N GLY A 99 2.22 2.03 12.85
CA GLY A 99 0.94 1.38 12.72
C GLY A 99 0.93 -0.01 13.33
N SER A 100 0.61 -0.99 12.49
CA SER A 100 0.48 -2.37 12.95
C SER A 100 0.57 -3.29 11.77
N ILE A 101 0.89 -4.54 12.08
CA ILE A 101 0.82 -5.62 11.12
C ILE A 101 0.10 -6.77 11.80
N ASN A 102 -0.75 -7.44 11.04
CA ASN A 102 -1.47 -8.58 11.60
C ASN A 102 -1.74 -9.66 10.57
N SER A 103 -1.84 -10.88 11.07
CA SER A 103 -2.42 -11.97 10.32
C SER A 103 -3.23 -12.75 11.34
N MET A 104 -4.32 -12.13 11.83
CA MET A 104 -5.11 -12.74 12.90
C MET A 104 -5.66 -14.11 12.47
N GLY A 105 -6.12 -14.20 11.22
CA GLY A 105 -6.68 -15.45 10.69
C GLY A 105 -8.15 -15.64 11.05
N LEU A 106 -8.87 -14.53 11.16
CA LEU A 106 -10.30 -14.52 11.52
C LEU A 106 -10.64 -15.28 12.82
N PRO A 107 -9.90 -15.02 13.92
CA PRO A 107 -10.37 -15.64 15.16
C PRO A 107 -11.68 -14.96 15.50
N ASN A 108 -12.73 -15.74 15.67
CA ASN A 108 -14.02 -15.17 15.98
C ASN A 108 -14.86 -16.23 16.65
N ASN A 109 -15.90 -15.77 17.36
CA ASN A 109 -16.76 -16.63 18.16
C ASN A 109 -17.81 -17.35 17.33
N GLY A 110 -17.83 -17.09 16.03
CA GLY A 110 -18.78 -17.72 15.14
C GLY A 110 -20.04 -16.92 14.97
N PHE A 111 -20.72 -17.13 13.86
CA PHE A 111 -21.91 -16.38 13.50
C PHE A 111 -23.03 -16.39 14.55
N ASP A 112 -23.36 -17.56 15.10
CA ASP A 112 -24.44 -17.64 16.11
C ASP A 112 -24.20 -16.65 17.24
N PHE A 113 -22.95 -16.56 17.69
CA PHE A 113 -22.56 -15.67 18.77
C PHE A 113 -22.88 -14.20 18.47
N TYR A 114 -22.45 -13.74 17.29
CA TYR A 114 -22.63 -12.34 16.92
C TYR A 114 -24.09 -12.05 16.59
N LEU A 115 -24.76 -13.04 16.01
CA LEU A 115 -26.19 -12.95 15.74
C LEU A 115 -26.96 -12.80 17.05
N ALA A 116 -26.65 -13.65 18.03
CA ALA A 116 -27.30 -13.59 19.35
C ALA A 116 -27.03 -12.28 20.05
N TYR A 117 -25.81 -11.76 19.94
CA TYR A 117 -25.51 -10.44 20.48
C TYR A 117 -26.43 -9.40 19.84
N ALA A 118 -26.53 -9.42 18.51
CA ALA A 118 -27.36 -8.49 17.76
C ALA A 118 -28.85 -8.66 18.09
N ALA A 119 -29.26 -9.92 18.26
CA ALA A 119 -30.66 -10.23 18.49
C ALA A 119 -31.13 -9.96 19.91
N GLU A 120 -30.31 -10.32 20.89
CA GLU A 120 -30.79 -10.36 22.28
CA GLU A 120 -30.75 -10.43 22.29
C GLU A 120 -30.04 -9.46 23.23
N GLN A 121 -28.80 -9.12 22.93
CA GLN A 121 -27.99 -8.39 23.90
C GLN A 121 -27.70 -6.91 23.63
N HIS A 122 -27.51 -6.55 22.37
CA HIS A 122 -27.09 -5.19 22.07
C HIS A 122 -28.16 -4.17 22.44
N ASP A 123 -27.74 -3.12 23.13
CA ASP A 123 -28.62 -2.02 23.43
C ASP A 123 -28.64 -1.03 22.27
N TYR A 124 -29.65 -1.16 21.41
CA TYR A 124 -29.80 -0.29 20.26
C TYR A 124 -30.19 1.12 20.69
N GLY A 125 -30.62 1.25 21.95
CA GLY A 125 -30.85 2.56 22.55
C GLY A 125 -29.59 3.37 22.68
N LYS A 126 -28.46 2.70 22.94
CA LYS A 126 -27.17 3.38 23.03
C LYS A 126 -26.64 3.80 21.67
N LYS A 127 -26.60 2.86 20.72
CA LYS A 127 -26.08 3.15 19.39
C LYS A 127 -26.41 2.01 18.44
N PRO A 128 -26.41 2.31 17.12
CA PRO A 128 -26.65 1.26 16.14
C PRO A 128 -25.50 0.26 16.12
N LEU A 129 -25.79 -0.93 15.59
CA LEU A 129 -24.84 -2.01 15.54
C LEU A 129 -24.64 -2.50 14.12
N PHE A 130 -23.37 -2.64 13.74
CA PHE A 130 -23.00 -3.31 12.51
C PHE A 130 -22.46 -4.69 12.86
N LEU A 131 -22.81 -5.65 12.02
CA LEU A 131 -22.28 -6.99 12.15
C LEU A 131 -21.42 -7.25 10.92
N SER A 132 -20.15 -7.56 11.15
CA SER A 132 -19.25 -7.88 10.04
C SER A 132 -19.27 -9.37 9.78
N MET A 133 -19.41 -9.71 8.51
CA MET A 133 -19.46 -11.10 8.11
C MET A 133 -18.35 -11.39 7.14
N SER A 134 -17.61 -12.48 7.39
CA SER A 134 -16.54 -12.88 6.49
C SER A 134 -16.54 -14.39 6.29
N GLY A 135 -17.58 -14.90 5.63
CA GLY A 135 -17.67 -16.32 5.30
C GLY A 135 -16.47 -16.68 4.47
N LEU A 136 -16.05 -17.94 4.56
CA LEU A 136 -14.87 -18.41 3.85
C LEU A 136 -15.22 -18.90 2.44
N SER A 137 -16.51 -18.84 2.12
CA SER A 137 -17.00 -19.14 0.78
C SER A 137 -18.27 -18.32 0.54
N MET A 138 -18.66 -18.23 -0.72
CA MET A 138 -19.96 -17.66 -1.08
C MET A 138 -21.09 -18.37 -0.32
N ARG A 139 -21.04 -19.71 -0.31
CA ARG A 139 -22.03 -20.55 0.39
C ARG A 139 -22.20 -20.17 1.87
N GLU A 140 -21.09 -19.89 2.53
CA GLU A 140 -21.12 -19.53 3.95
C GLU A 140 -21.81 -18.18 4.15
N ASN A 141 -21.45 -17.19 3.34
CA ASN A 141 -22.12 -15.90 3.40
C ASN A 141 -23.62 -15.99 3.13
N VAL A 142 -23.99 -16.78 2.14
CA VAL A 142 -25.39 -16.99 1.81
C VAL A 142 -26.13 -17.54 3.02
N GLU A 143 -25.56 -18.58 3.63
CA GLU A 143 -26.23 -19.22 4.77
C GLU A 143 -26.36 -18.31 5.98
N MET A 144 -25.31 -17.54 6.27
CA MET A 144 -25.37 -16.60 7.38
C MET A 144 -26.34 -15.45 7.11
N CYS A 145 -26.31 -14.92 5.89
CA CYS A 145 -27.22 -13.84 5.50
C CYS A 145 -28.68 -14.25 5.60
N LYS A 146 -28.99 -15.46 5.14
CA LYS A 146 -30.36 -15.99 5.26
C LYS A 146 -30.87 -15.89 6.70
N ARG A 147 -30.00 -16.25 7.66
CA ARG A 147 -30.33 -16.20 9.08
C ARG A 147 -30.28 -14.78 9.67
N LEU A 148 -29.34 -13.96 9.17
CA LEU A 148 -29.23 -12.59 9.62
C LEU A 148 -30.43 -11.73 9.25
N ALA A 149 -31.01 -12.01 8.08
CA ALA A 149 -32.17 -11.27 7.58
C ALA A 149 -33.20 -10.94 8.67
N ALA A 150 -33.64 -11.97 9.41
CA ALA A 150 -34.68 -11.77 10.45
C ALA A 150 -34.23 -10.84 11.56
N VAL A 151 -32.99 -10.98 12.00
CA VAL A 151 -32.48 -10.14 13.08
C VAL A 151 -32.32 -8.69 12.62
N ALA A 152 -31.87 -8.49 11.39
CA ALA A 152 -31.77 -7.16 10.81
C ALA A 152 -33.15 -6.49 10.78
N THR A 153 -34.14 -7.24 10.28
CA THR A 153 -35.54 -6.80 10.22
C THR A 153 -36.04 -6.39 11.60
N GLU A 154 -35.87 -7.28 12.58
CA GLU A 154 -36.46 -7.09 13.90
C GLU A 154 -35.68 -6.11 14.79
N LYS A 155 -34.36 -6.14 14.71
CA LYS A 155 -33.49 -5.39 15.63
C LYS A 155 -32.75 -4.20 14.99
N GLY A 156 -32.54 -4.27 13.68
CA GLY A 156 -31.91 -3.16 12.96
C GLY A 156 -30.40 -3.26 12.82
N VAL A 157 -29.84 -4.41 13.20
CA VAL A 157 -28.42 -4.69 12.94
C VAL A 157 -28.14 -4.53 11.44
N ILE A 158 -27.00 -3.93 11.11
CA ILE A 158 -26.65 -3.63 9.73
C ILE A 158 -25.43 -4.46 9.34
N LEU A 159 -25.54 -5.17 8.22
CA LEU A 159 -24.46 -6.01 7.74
C LEU A 159 -23.33 -5.20 7.11
N GLU A 160 -22.11 -5.44 7.58
CA GLU A 160 -20.92 -5.06 6.84
C GLU A 160 -20.28 -6.32 6.28
N LEU A 161 -20.41 -6.52 4.97
CA LEU A 161 -19.89 -7.70 4.33
C LEU A 161 -18.42 -7.50 3.97
N ASN A 162 -17.56 -8.29 4.59
CA ASN A 162 -16.13 -8.28 4.32
C ASN A 162 -15.88 -8.91 2.95
N LEU A 163 -15.46 -8.08 1.98
CA LEU A 163 -15.16 -8.57 0.63
C LEU A 163 -13.66 -8.85 0.45
N ASP A 177 -10.06 -9.94 -6.92
CA ASP A 177 -10.69 -10.74 -7.96
C ASP A 177 -12.12 -10.25 -8.17
N PHE A 178 -12.31 -9.44 -9.22
CA PHE A 178 -13.60 -8.79 -9.46
C PHE A 178 -14.73 -9.76 -9.80
N ASP A 179 -14.38 -10.92 -10.34
CA ASP A 179 -15.37 -11.97 -10.59
C ASP A 179 -15.86 -12.58 -9.29
N ALA A 180 -14.93 -12.92 -8.39
CA ALA A 180 -15.29 -13.43 -7.07
C ALA A 180 -16.14 -12.39 -6.33
N MET A 181 -15.77 -11.11 -6.49
CA MET A 181 -16.51 -10.01 -5.89
C MET A 181 -17.93 -9.89 -6.44
N ARG A 182 -18.07 -9.87 -7.76
CA ARG A 182 -19.41 -9.85 -8.35
C ARG A 182 -20.24 -11.04 -7.88
N GLN A 183 -19.64 -12.23 -7.84
CA GLN A 183 -20.37 -13.45 -7.45
C GLN A 183 -20.84 -13.34 -6.00
N CYS A 184 -19.93 -12.92 -5.12
CA CYS A 184 -20.26 -12.79 -3.70
C CYS A 184 -21.40 -11.81 -3.46
N LEU A 185 -21.32 -10.64 -4.09
CA LEU A 185 -22.36 -9.62 -3.96
C LEU A 185 -23.68 -10.05 -4.58
N THR A 186 -23.60 -10.73 -5.73
CA THR A 186 -24.79 -11.25 -6.38
C THR A 186 -25.49 -12.20 -5.44
N ALA A 187 -24.73 -13.16 -4.89
CA ALA A 187 -25.29 -14.16 -4.00
C ALA A 187 -25.95 -13.52 -2.78
N VAL A 188 -25.21 -12.64 -2.10
CA VAL A 188 -25.74 -11.96 -0.91
C VAL A 188 -26.97 -11.12 -1.27
N SER A 189 -26.89 -10.34 -2.35
CA SER A 189 -28.02 -9.50 -2.78
C SER A 189 -29.25 -10.33 -3.08
N GLU A 190 -29.03 -11.53 -3.63
CA GLU A 190 -30.11 -12.43 -3.99
C GLU A 190 -30.87 -12.91 -2.76
N VAL A 191 -30.13 -13.26 -1.71
CA VAL A 191 -30.70 -13.91 -0.53
C VAL A 191 -30.96 -12.97 0.66
N TYR A 192 -30.31 -11.81 0.67
CA TYR A 192 -30.38 -10.91 1.82
C TYR A 192 -31.25 -9.71 1.49
N PRO A 193 -32.44 -9.62 2.13
CA PRO A 193 -33.51 -8.66 1.80
C PRO A 193 -33.34 -7.32 2.51
N HIS A 194 -32.10 -6.85 2.61
CA HIS A 194 -31.81 -5.59 3.28
C HIS A 194 -30.66 -4.90 2.57
N SER A 195 -30.55 -3.61 2.80
CA SER A 195 -29.36 -2.88 2.42
CA SER A 195 -29.36 -2.87 2.42
C SER A 195 -28.21 -3.36 3.30
N PHE A 196 -27.00 -3.24 2.79
CA PHE A 196 -25.83 -3.61 3.55
C PHE A 196 -24.66 -2.81 3.04
N GLY A 197 -23.51 -3.04 3.64
CA GLY A 197 -22.30 -2.40 3.19
C GLY A 197 -21.23 -3.42 2.93
N VAL A 198 -20.15 -2.95 2.31
CA VAL A 198 -19.06 -3.85 1.94
C VAL A 198 -17.76 -3.26 2.45
N LYS A 199 -16.96 -4.12 3.04
CA LYS A 199 -15.63 -3.74 3.50
C LYS A 199 -14.64 -4.08 2.39
N MET A 200 -13.97 -3.06 1.88
CA MET A 200 -13.14 -3.20 0.67
C MET A 200 -11.67 -3.24 1.00
N PRO A 201 -10.91 -4.02 0.22
CA PRO A 201 -9.47 -3.93 0.30
C PRO A 201 -9.11 -2.64 -0.44
N PRO A 202 -7.93 -2.09 -0.17
CA PRO A 202 -7.47 -0.91 -0.91
C PRO A 202 -7.14 -1.26 -2.35
N TYR A 203 -7.45 -0.33 -3.26
CA TYR A 203 -7.00 -0.42 -4.64
C TYR A 203 -5.99 0.69 -4.87
N PHE A 204 -5.23 0.57 -5.95
CA PHE A 204 -4.04 1.39 -6.14
C PHE A 204 -3.95 1.98 -7.53
N ASP A 205 -5.04 1.88 -8.29
CA ASP A 205 -5.15 2.62 -9.55
C ASP A 205 -6.58 2.84 -9.97
N PHE A 206 -6.75 3.78 -10.89
CA PHE A 206 -8.07 4.25 -11.26
C PHE A 206 -8.84 3.14 -11.99
N ALA A 207 -8.10 2.31 -12.73
CA ALA A 207 -8.69 1.19 -13.46
C ALA A 207 -9.41 0.28 -12.47
N HIS A 208 -8.77 0.03 -11.34
CA HIS A 208 -9.38 -0.77 -10.28
C HIS A 208 -10.48 -0.03 -9.55
N PHE A 209 -10.27 1.25 -9.27
CA PHE A 209 -11.34 2.10 -8.70
C PHE A 209 -12.57 2.03 -9.59
N ASP A 210 -12.36 2.17 -10.91
CA ASP A 210 -13.48 2.13 -11.85
C ASP A 210 -14.15 0.77 -11.90
N ALA A 211 -13.33 -0.29 -11.95
CA ALA A 211 -13.84 -1.66 -12.03
C ALA A 211 -14.64 -2.02 -10.79
N ALA A 212 -14.11 -1.67 -9.61
CA ALA A 212 -14.79 -1.94 -8.35
C ALA A 212 -16.07 -1.14 -8.22
N ALA A 213 -16.01 0.16 -8.55
CA ALA A 213 -17.18 1.02 -8.49
C ALA A 213 -18.27 0.53 -9.43
N GLU A 214 -17.88 0.11 -10.64
CA GLU A 214 -18.82 -0.38 -11.63
C GLU A 214 -19.63 -1.54 -11.04
N ILE A 215 -18.92 -2.51 -10.48
CA ILE A 215 -19.56 -3.65 -9.82
C ILE A 215 -20.46 -3.21 -8.66
N LEU A 216 -19.93 -2.41 -7.74
CA LEU A 216 -20.70 -1.95 -6.58
C LEU A 216 -21.96 -1.22 -6.98
N ASN A 217 -21.86 -0.37 -8.00
CA ASN A 217 -23.02 0.39 -8.52
C ASN A 217 -24.12 -0.48 -9.11
N GLU A 218 -23.80 -1.73 -9.41
CA GLU A 218 -24.80 -2.68 -9.93
C GLU A 218 -25.68 -3.23 -8.82
N PHE A 219 -25.32 -2.93 -7.57
CA PHE A 219 -26.03 -3.49 -6.42
C PHE A 219 -26.59 -2.40 -5.55
N PRO A 220 -27.87 -2.05 -5.77
CA PRO A 220 -28.50 -0.97 -5.00
C PRO A 220 -28.59 -1.29 -3.50
N LYS A 221 -28.52 -2.56 -3.13
CA LYS A 221 -28.54 -2.93 -1.71
C LYS A 221 -27.24 -2.53 -0.99
N VAL A 222 -26.14 -2.44 -1.75
CA VAL A 222 -24.89 -1.97 -1.16
C VAL A 222 -25.04 -0.46 -0.97
N GLN A 223 -25.33 -0.05 0.26
CA GLN A 223 -25.59 1.35 0.54
CA GLN A 223 -25.60 1.36 0.55
C GLN A 223 -24.43 2.05 1.25
N PHE A 224 -23.48 1.27 1.72
CA PHE A 224 -22.21 1.83 2.17
C PHE A 224 -21.01 1.00 1.73
N ILE A 225 -19.88 1.69 1.58
CA ILE A 225 -18.63 1.05 1.21
C ILE A 225 -17.61 1.48 2.25
N THR A 226 -17.00 0.51 2.89
CA THR A 226 -15.98 0.81 3.89
C THR A 226 -14.64 0.64 3.24
N CYS A 227 -13.92 1.76 3.16
CA CYS A 227 -12.57 1.85 2.62
C CYS A 227 -11.68 2.36 3.75
N ILE A 228 -10.74 1.56 4.25
CA ILE A 228 -10.27 0.32 3.63
C ILE A 228 -9.91 -0.75 4.66
N ASN A 229 -9.80 -1.97 4.18
CA ASN A 229 -9.16 -3.02 4.95
C ASN A 229 -7.66 -2.74 4.89
N SER A 230 -6.87 -3.60 5.53
CA SER A 230 -5.42 -3.44 5.60
C SER A 230 -4.78 -3.33 4.23
N ILE A 231 -3.63 -2.67 4.15
CA ILE A 231 -2.78 -2.85 2.98
C ILE A 231 -2.19 -4.26 3.13
N GLY A 232 -2.54 -5.14 2.20
CA GLY A 232 -2.31 -6.58 2.35
C GLY A 232 -0.84 -6.97 2.29
N ASN A 233 -0.50 -7.95 3.11
CA ASN A 233 0.77 -8.65 2.95
C ASN A 233 2.01 -7.77 2.88
N GLY A 234 2.09 -6.82 3.82
CA GLY A 234 3.33 -6.16 4.12
C GLY A 234 4.21 -7.15 4.86
N LEU A 235 5.48 -6.81 5.01
CA LEU A 235 6.40 -7.64 5.76
C LEU A 235 7.24 -6.76 6.63
N VAL A 236 7.01 -6.89 7.94
CA VAL A 236 7.75 -6.13 8.91
C VAL A 236 8.92 -6.98 9.38
N ILE A 237 10.11 -6.40 9.31
CA ILE A 237 11.33 -7.07 9.76
C ILE A 237 11.92 -6.24 10.89
N ASP A 238 12.25 -6.92 11.98
CA ASP A 238 12.83 -6.29 13.15
C ASP A 238 14.34 -6.34 12.96
N ALA A 239 14.95 -5.16 12.84
CA ALA A 239 16.40 -5.07 12.57
C ALA A 239 17.21 -5.70 13.70
N GLU A 240 16.72 -5.57 14.92
CA GLU A 240 17.37 -6.12 16.12
C GLU A 240 17.41 -7.65 16.10
N THR A 241 16.25 -8.27 15.88
CA THR A 241 16.16 -9.73 15.90
C THR A 241 16.47 -10.37 14.55
N GLU A 242 16.62 -9.55 13.51
CA GLU A 242 16.78 -10.03 12.14
C GLU A 242 15.71 -11.04 11.76
N SER A 243 14.49 -10.78 12.23
CA SER A 243 13.38 -11.68 12.02
C SER A 243 12.13 -10.90 11.68
N VAL A 244 11.15 -11.61 11.13
CA VAL A 244 9.80 -11.10 11.03
C VAL A 244 9.18 -11.00 12.43
N VAL A 245 7.99 -10.41 12.54
CA VAL A 245 7.44 -10.09 13.84
C VAL A 245 6.11 -10.76 14.10
N ILE A 246 5.56 -11.39 13.07
CA ILE A 246 4.38 -12.23 13.25
C ILE A 246 4.66 -13.61 12.69
N LYS A 247 4.00 -14.61 13.25
CA LYS A 247 4.31 -16.02 12.94
C LYS A 247 3.67 -16.57 11.66
N PRO A 248 2.36 -16.29 11.44
CA PRO A 248 1.72 -16.85 10.25
C PRO A 248 2.35 -16.35 8.97
N LYS A 249 2.27 -17.16 7.92
CA LYS A 249 2.52 -16.69 6.55
C LYS A 249 3.91 -16.04 6.39
N GLN A 250 4.92 -16.63 7.05
CA GLN A 250 6.31 -16.17 6.95
C GLN A 250 6.49 -14.68 7.33
N GLY A 251 5.59 -14.15 8.15
CA GLY A 251 5.72 -12.79 8.64
C GLY A 251 4.91 -11.74 7.85
N PHE A 252 4.31 -12.18 6.75
CA PHE A 252 3.48 -11.31 5.91
C PHE A 252 2.11 -11.13 6.53
N GLY A 253 1.66 -9.88 6.57
CA GLY A 253 0.38 -9.56 7.17
C GLY A 253 -0.11 -8.19 6.75
N GLY A 254 -1.36 -7.92 7.07
CA GLY A 254 -2.01 -6.64 6.71
C GLY A 254 -1.46 -5.49 7.53
N LEU A 255 -1.18 -4.38 6.85
CA LEU A 255 -0.70 -3.18 7.52
C LEU A 255 -1.87 -2.28 7.85
N GLY A 256 -1.83 -1.69 9.05
CA GLY A 256 -2.81 -0.70 9.47
C GLY A 256 -2.07 0.48 10.05
N GLY A 257 -2.81 1.52 10.38
CA GLY A 257 -2.25 2.66 11.10
C GLY A 257 -1.69 3.71 10.18
N ARG A 258 -0.64 4.41 10.63
CA ARG A 258 -0.09 5.55 9.89
C ARG A 258 0.37 5.21 8.46
N TYR A 259 0.85 3.98 8.28
CA TYR A 259 1.21 3.47 6.97
C TYR A 259 0.11 3.68 5.92
N VAL A 260 -1.14 3.54 6.34
CA VAL A 260 -2.21 3.37 5.38
C VAL A 260 -3.08 4.60 5.14
N LEU A 261 -2.81 5.71 5.85
CA LEU A 261 -3.74 6.85 5.76
C LEU A 261 -3.93 7.40 4.33
N PRO A 262 -2.85 7.73 3.59
CA PRO A 262 -3.06 8.19 2.20
C PRO A 262 -3.79 7.19 1.29
N THR A 263 -3.53 5.90 1.48
CA THR A 263 -4.23 4.86 0.72
C THR A 263 -5.71 4.84 1.10
N ALA A 264 -6.01 4.91 2.40
CA ALA A 264 -7.39 4.96 2.86
C ALA A 264 -8.09 6.18 2.28
N LEU A 265 -7.46 7.34 2.39
CA LEU A 265 -8.04 8.57 1.87
C LEU A 265 -8.30 8.48 0.36
N ALA A 266 -7.33 7.93 -0.37
CA ALA A 266 -7.46 7.68 -1.82
C ALA A 266 -8.69 6.85 -2.11
N ASN A 267 -8.82 5.74 -1.37
CA ASN A 267 -9.92 4.83 -1.61
C ASN A 267 -11.24 5.42 -1.20
N ILE A 268 -11.27 6.06 -0.03
CA ILE A 268 -12.47 6.79 0.41
C ILE A 268 -12.91 7.75 -0.67
N ASN A 269 -12.00 8.60 -1.12
CA ASN A 269 -12.36 9.60 -2.11
C ASN A 269 -12.70 9.00 -3.46
N ALA A 270 -11.97 7.96 -3.86
CA ALA A 270 -12.20 7.33 -5.16
C ALA A 270 -13.62 6.78 -5.26
N PHE A 271 -14.06 6.09 -4.22
CA PHE A 271 -15.39 5.53 -4.18
C PHE A 271 -16.44 6.58 -3.86
N TYR A 272 -16.08 7.57 -3.04
CA TYR A 272 -16.97 8.71 -2.83
C TYR A 272 -17.37 9.32 -4.19
N ARG A 273 -16.39 9.53 -5.05
CA ARG A 273 -16.61 10.11 -6.37
C ARG A 273 -17.35 9.16 -7.29
N ARG A 274 -16.97 7.89 -7.27
CA ARG A 274 -17.47 6.92 -8.25
C ARG A 274 -18.77 6.23 -7.88
N CYS A 275 -19.12 6.30 -6.59
CA CYS A 275 -20.37 5.71 -6.13
C CYS A 275 -21.22 6.77 -5.43
N PRO A 276 -21.71 7.76 -6.20
CA PRO A 276 -22.44 8.87 -5.58
C PRO A 276 -23.76 8.46 -4.92
N GLY A 277 -24.29 7.30 -5.32
CA GLY A 277 -25.53 6.79 -4.73
C GLY A 277 -25.30 6.10 -3.38
N LYS A 278 -24.04 6.03 -2.96
CA LYS A 278 -23.66 5.25 -1.79
C LYS A 278 -22.91 6.08 -0.76
N LEU A 279 -22.96 5.62 0.48
CA LEU A 279 -22.18 6.19 1.57
C LEU A 279 -20.80 5.53 1.62
N ILE A 280 -19.80 6.30 2.04
CA ILE A 280 -18.46 5.75 2.24
C ILE A 280 -18.20 5.82 3.74
N PHE A 281 -17.74 4.69 4.29
CA PHE A 281 -17.19 4.69 5.64
C PHE A 281 -15.67 4.66 5.50
N GLY A 282 -15.01 5.54 6.22
CA GLY A 282 -13.56 5.57 6.18
C GLY A 282 -12.99 4.61 7.20
N CYS A 283 -11.87 4.00 6.85
CA CYS A 283 -11.15 3.14 7.78
C CYS A 283 -9.69 3.13 7.37
N GLY A 284 -8.79 3.43 8.29
CA GLY A 284 -7.37 3.40 7.97
C GLY A 284 -6.62 4.63 8.43
N GLY A 285 -5.73 4.42 9.38
CA GLY A 285 -4.83 5.46 9.83
C GLY A 285 -5.40 6.56 10.69
N VAL A 286 -6.57 6.33 11.29
CA VAL A 286 -7.16 7.36 12.18
C VAL A 286 -6.59 7.20 13.58
N TYR A 287 -5.84 8.21 14.03
CA TYR A 287 -5.34 8.25 15.40
C TYR A 287 -5.84 9.50 16.11
N THR A 288 -6.21 10.51 15.32
CA THR A 288 -6.60 11.82 15.85
C THR A 288 -7.87 12.34 15.22
N GLY A 289 -8.48 13.34 15.87
CA GLY A 289 -9.58 14.08 15.28
C GLY A 289 -9.20 14.65 13.92
N GLU A 290 -7.95 15.08 13.78
CA GLU A 290 -7.46 15.63 12.51
C GLU A 290 -7.49 14.57 11.41
N ASP A 291 -7.00 13.37 11.73
CA ASP A 291 -7.09 12.24 10.82
C ASP A 291 -8.53 11.97 10.40
N ALA A 292 -9.44 11.99 11.37
CA ALA A 292 -10.87 11.79 11.10
C ALA A 292 -11.40 12.89 10.17
N PHE A 293 -10.99 14.12 10.45
CA PHE A 293 -11.34 15.27 9.61
C PHE A 293 -10.95 14.99 8.15
N LEU A 294 -9.74 14.47 7.95
CA LEU A 294 -9.26 14.10 6.60
C LEU A 294 -10.14 13.04 5.94
N HIS A 295 -10.52 12.01 6.70
CA HIS A 295 -11.45 10.99 6.22
C HIS A 295 -12.76 11.61 5.73
N VAL A 296 -13.33 12.50 6.54
CA VAL A 296 -14.62 13.07 6.21
C VAL A 296 -14.49 14.00 4.98
N LEU A 297 -13.42 14.80 4.97
CA LEU A 297 -13.10 15.65 3.82
C LEU A 297 -12.99 14.85 2.52
N ALA A 298 -12.41 13.66 2.63
CA ALA A 298 -12.27 12.75 1.49
C ALA A 298 -13.62 12.16 1.07
N GLY A 299 -14.59 12.18 1.98
CA GLY A 299 -15.93 11.72 1.66
C GLY A 299 -16.57 10.79 2.67
N ALA A 300 -15.87 10.46 3.76
CA ALA A 300 -16.35 9.50 4.76
C ALA A 300 -17.57 10.01 5.55
N SER A 301 -18.54 9.14 5.72
CA SER A 301 -19.69 9.38 6.61
C SER A 301 -19.40 8.87 8.01
N MET A 302 -19.03 7.59 8.12
CA MET A 302 -18.55 7.04 9.38
C MET A 302 -17.04 6.94 9.31
N VAL A 303 -16.41 6.95 10.47
CA VAL A 303 -14.96 6.83 10.56
C VAL A 303 -14.60 5.70 11.54
N GLN A 304 -13.97 4.68 10.99
CA GLN A 304 -13.60 3.50 11.74
C GLN A 304 -12.15 3.57 12.20
N VAL A 305 -11.92 3.01 13.38
CA VAL A 305 -10.65 3.12 14.04
C VAL A 305 -10.19 1.72 14.41
N GLY A 306 -9.07 1.31 13.82
CA GLY A 306 -8.52 -0.02 14.09
C GLY A 306 -7.30 0.05 14.98
N THR A 307 -6.13 0.18 14.35
CA THR A 307 -4.86 0.16 15.06
C THR A 307 -4.83 1.08 16.29
N ALA A 308 -5.28 2.34 16.12
CA ALA A 308 -5.20 3.30 17.22
C ALA A 308 -6.03 2.82 18.41
N LEU A 309 -7.20 2.27 18.10
CA LEU A 309 -8.11 1.71 19.08
C LEU A 309 -7.50 0.50 19.76
N GLN A 310 -6.85 -0.37 18.98
CA GLN A 310 -6.17 -1.55 19.51
C GLN A 310 -5.14 -1.15 20.57
N GLU A 311 -4.43 -0.05 20.30
CA GLU A 311 -3.40 0.45 21.21
C GLU A 311 -3.94 1.21 22.42
N GLU A 312 -5.06 1.90 22.25
CA GLU A 312 -5.54 2.84 23.25
C GLU A 312 -6.75 2.33 24.04
N GLY A 313 -7.53 1.42 23.45
CA GLY A 313 -8.78 0.96 24.05
C GLY A 313 -9.91 1.94 23.80
N PRO A 314 -11.16 1.54 24.13
CA PRO A 314 -12.38 2.29 23.76
C PRO A 314 -12.46 3.72 24.31
N SER A 315 -11.61 4.07 25.26
CA SER A 315 -11.52 5.46 25.77
C SER A 315 -11.11 6.42 24.65
N ILE A 316 -10.48 5.87 23.61
CA ILE A 316 -10.04 6.65 22.46
C ILE A 316 -11.19 7.46 21.83
N PHE A 317 -12.42 6.95 21.93
CA PHE A 317 -13.53 7.59 21.25
C PHE A 317 -13.91 8.90 21.90
N GLU A 318 -13.70 9.01 23.20
CA GLU A 318 -13.87 10.26 23.91
C GLU A 318 -12.88 11.29 23.40
N ARG A 319 -11.63 10.85 23.24
CA ARG A 319 -10.57 11.71 22.76
C ARG A 319 -10.81 12.11 21.31
N LEU A 320 -11.27 11.15 20.49
CA LEU A 320 -11.47 11.42 19.07
C LEU A 320 -12.62 12.38 18.84
N THR A 321 -13.73 12.21 19.57
CA THR A 321 -14.86 13.14 19.44
C THR A 321 -14.41 14.54 19.84
N SER A 322 -13.69 14.64 20.95
CA SER A 322 -13.19 15.92 21.45
C SER A 322 -12.28 16.59 20.43
N GLU A 323 -11.34 15.82 19.88
CA GLU A 323 -10.38 16.35 18.92
C GLU A 323 -11.04 16.77 17.62
N LEU A 324 -11.99 15.98 17.14
CA LEU A 324 -12.69 16.30 15.89
C LEU A 324 -13.51 17.58 16.06
N LEU A 325 -14.22 17.69 17.18
CA LEU A 325 -14.91 18.93 17.54
C LEU A 325 -13.94 20.12 17.62
N GLY A 326 -12.77 19.91 18.23
CA GLY A 326 -11.71 20.91 18.29
C GLY A 326 -11.24 21.36 16.91
N VAL A 327 -11.00 20.41 16.02
CA VAL A 327 -10.64 20.72 14.64
C VAL A 327 -11.72 21.54 13.94
N MET A 328 -12.97 21.11 14.09
CA MET A 328 -14.11 21.80 13.46
C MET A 328 -14.30 23.21 14.02
N ALA A 329 -14.11 23.34 15.33
CA ALA A 329 -14.18 24.65 16.00
C ALA A 329 -13.14 25.62 15.45
N LYS A 330 -11.89 25.19 15.38
CA LYS A 330 -10.81 25.99 14.80
C LYS A 330 -11.05 26.34 13.34
N LYS A 331 -11.70 25.44 12.60
CA LYS A 331 -11.93 25.64 11.18
C LYS A 331 -13.29 26.26 10.88
N ARG A 332 -14.06 26.50 11.94
CA ARG A 332 -15.39 27.12 11.86
C ARG A 332 -16.38 26.26 11.07
N TYR A 333 -16.40 24.97 11.41
CA TYR A 333 -17.40 24.05 10.93
C TYR A 333 -18.30 23.66 12.08
N GLN A 334 -19.58 23.54 11.79
CA GLN A 334 -20.56 23.17 12.80
C GLN A 334 -21.05 21.76 12.64
N THR A 335 -21.14 21.30 11.40
CA THR A 335 -21.55 19.93 11.11
C THR A 335 -20.59 19.27 10.11
N LEU A 336 -20.64 17.94 10.09
CA LEU A 336 -19.82 17.16 9.17
C LEU A 336 -20.25 17.35 7.72
N ASP A 337 -21.56 17.55 7.50
CA ASP A 337 -22.11 17.84 6.16
C ASP A 337 -21.43 19.04 5.47
N GLU A 338 -20.91 19.96 6.29
CA GLU A 338 -20.34 21.20 5.76
C GLU A 338 -19.03 21.02 5.02
N PHE A 339 -18.33 19.91 5.26
CA PHE A 339 -17.07 19.66 4.58
C PHE A 339 -16.90 18.22 4.07
N ARG A 340 -17.84 17.33 4.37
CA ARG A 340 -17.72 15.96 3.88
C ARG A 340 -17.55 15.92 2.36
N GLY A 341 -16.46 15.30 1.92
CA GLY A 341 -16.19 15.11 0.50
C GLY A 341 -15.76 16.39 -0.22
N LYS A 342 -15.49 17.45 0.55
CA LYS A 342 -15.20 18.74 -0.05
C LYS A 342 -13.70 19.05 -0.18
N VAL A 343 -12.89 18.00 -0.10
CA VAL A 343 -11.45 18.14 -0.33
C VAL A 343 -11.23 18.90 -1.63
N ARG A 344 -10.37 19.91 -1.57
CA ARG A 344 -10.10 20.76 -2.72
C ARG A 344 -8.99 20.17 -3.59
N THR A 345 -9.26 20.04 -4.89
CA THR A 345 -8.23 19.64 -5.84
C THR A 345 -7.58 20.89 -6.44
N LEU A 346 -6.41 20.71 -7.07
CA LEU A 346 -5.63 21.82 -7.58
C LEU A 346 -5.75 21.97 -9.11
N MET B 35 35.41 -5.86 6.48
CA MET B 35 34.01 -5.54 6.04
C MET B 35 33.95 -4.95 4.64
N SER B 36 32.93 -5.34 3.89
CA SER B 36 32.78 -4.89 2.52
C SER B 36 31.31 -4.79 2.17
N LEU B 37 30.94 -3.69 1.54
CA LEU B 37 29.60 -3.54 0.97
C LEU B 37 29.57 -3.95 -0.48
N GLN B 38 30.65 -4.60 -0.92
CA GLN B 38 30.76 -5.01 -2.32
C GLN B 38 29.61 -5.91 -2.75
N VAL B 39 29.14 -5.67 -3.96
CA VAL B 39 28.12 -6.49 -4.59
C VAL B 39 28.66 -6.89 -5.95
N ASN B 40 28.50 -8.17 -6.29
CA ASN B 40 28.88 -8.67 -7.58
C ASN B 40 27.70 -9.28 -8.27
N LEU B 41 27.33 -8.70 -9.42
CA LEU B 41 26.20 -9.19 -10.19
C LEU B 41 26.28 -8.63 -11.59
N LEU B 42 25.67 -9.35 -12.54
CA LEU B 42 25.64 -8.97 -13.95
C LEU B 42 27.04 -8.64 -14.53
N ASN B 43 28.02 -9.49 -14.23
CA ASN B 43 29.41 -9.28 -14.69
C ASN B 43 30.00 -7.95 -14.24
N ASN B 44 29.49 -7.41 -13.14
CA ASN B 44 29.96 -6.14 -12.62
C ASN B 44 30.30 -6.21 -11.15
N THR B 45 31.21 -5.34 -10.74
CA THR B 45 31.49 -5.14 -9.32
C THR B 45 30.95 -3.79 -8.92
N PHE B 46 30.26 -3.77 -7.79
CA PHE B 46 29.71 -2.54 -7.25
C PHE B 46 30.33 -2.33 -5.89
N ALA B 47 30.80 -1.10 -5.66
CA ALA B 47 31.45 -0.73 -4.42
C ALA B 47 30.54 -0.94 -3.22
N ASN B 48 29.25 -0.68 -3.43
CA ASN B 48 28.25 -0.83 -2.39
C ASN B 48 26.89 -1.03 -3.07
N PRO B 49 25.86 -1.51 -2.32
CA PRO B 49 24.58 -1.80 -2.98
C PRO B 49 23.74 -0.57 -3.36
N PHE B 50 24.13 0.61 -2.89
CA PHE B 50 23.27 1.77 -3.02
C PHE B 50 23.26 2.41 -4.40
N MET B 51 22.07 2.85 -4.80
CA MET B 51 21.90 3.61 -6.03
C MET B 51 20.65 4.47 -5.84
N ASN B 52 20.45 5.42 -6.75
CA ASN B 52 19.20 6.17 -6.75
C ASN B 52 18.10 5.25 -7.27
N ALA B 53 16.87 5.52 -6.84
CA ALA B 53 15.68 4.94 -7.45
C ALA B 53 15.49 5.64 -8.77
N ALA B 54 15.00 4.94 -9.80
CA ALA B 54 14.77 5.57 -11.10
C ALA B 54 13.82 6.74 -10.92
N GLY B 55 14.10 7.82 -11.63
CA GLY B 55 13.27 9.00 -11.52
C GLY B 55 13.71 10.00 -10.49
N VAL B 56 14.50 9.56 -9.51
CA VAL B 56 14.98 10.50 -8.51
C VAL B 56 16.40 10.95 -8.82
N MET B 57 16.54 12.25 -9.05
CA MET B 57 17.83 12.91 -9.26
C MET B 57 18.69 12.22 -10.32
N CYS B 58 18.11 12.02 -11.50
CA CYS B 58 18.76 11.27 -12.56
C CYS B 58 18.19 11.63 -13.93
N THR B 59 17.60 12.82 -14.03
CA THR B 59 16.95 13.22 -15.26
C THR B 59 17.88 14.00 -16.18
N THR B 60 18.67 14.91 -15.60
CA THR B 60 19.50 15.80 -16.38
C THR B 60 20.95 15.30 -16.41
N THR B 61 21.74 15.85 -17.32
CA THR B 61 23.17 15.54 -17.34
C THR B 61 23.78 15.84 -15.96
N GLU B 62 23.48 17.02 -15.43
CA GLU B 62 23.97 17.42 -14.12
C GLU B 62 23.70 16.38 -13.04
N GLU B 63 22.46 15.89 -12.99
CA GLU B 63 22.05 14.93 -11.96
C GLU B 63 22.78 13.60 -12.15
N LEU B 64 22.93 13.19 -13.41
CA LEU B 64 23.59 11.93 -13.74
C LEU B 64 25.07 11.98 -13.37
N VAL B 65 25.71 13.11 -13.66
CA VAL B 65 27.10 13.32 -13.23
C VAL B 65 27.22 13.33 -11.70
N ALA B 66 26.34 14.08 -11.03
CA ALA B 66 26.29 14.10 -9.56
C ALA B 66 26.12 12.71 -8.94
N MET B 67 25.21 11.90 -9.51
CA MET B 67 25.07 10.51 -9.09
C MET B 67 26.35 9.70 -9.33
N THR B 68 26.98 9.90 -10.48
CA THR B 68 28.24 9.22 -10.79
C THR B 68 29.36 9.66 -9.83
N GLU B 69 29.38 10.94 -9.48
CA GLU B 69 30.39 11.49 -8.57
CA GLU B 69 30.39 11.47 -8.56
C GLU B 69 30.11 11.13 -7.10
N SER B 70 28.88 10.72 -6.80
CA SER B 70 28.48 10.36 -5.43
C SER B 70 29.14 9.06 -4.94
N ALA B 71 28.95 8.76 -3.66
CA ALA B 71 29.46 7.53 -3.06
C ALA B 71 28.62 6.31 -3.42
N SER B 72 27.56 6.50 -4.21
CA SER B 72 26.69 5.37 -4.58
C SER B 72 27.46 4.27 -5.31
N GLY B 73 27.02 3.03 -5.11
CA GLY B 73 27.56 1.90 -5.87
C GLY B 73 27.16 1.96 -7.33
N SER B 74 26.01 2.56 -7.60
CA SER B 74 25.52 2.66 -8.97
C SER B 74 24.53 3.80 -9.13
N LEU B 75 23.91 3.84 -10.30
CA LEU B 75 22.91 4.83 -10.61
C LEU B 75 22.04 4.29 -11.73
N VAL B 76 20.84 4.84 -11.82
CA VAL B 76 19.92 4.53 -12.89
C VAL B 76 19.38 5.85 -13.44
N SER B 77 19.32 5.94 -14.76
CA SER B 77 18.84 7.16 -15.40
C SER B 77 17.31 7.21 -15.32
N LYS B 78 16.75 8.42 -15.38
CA LYS B 78 15.29 8.61 -15.35
C LYS B 78 14.60 7.73 -16.39
N SER B 79 13.52 7.05 -15.98
CA SER B 79 12.77 6.22 -16.89
C SER B 79 12.43 7.02 -18.14
N CYS B 80 12.82 6.49 -19.29
CA CYS B 80 12.71 7.25 -20.52
C CYS B 80 11.59 6.76 -21.42
N THR B 81 11.10 7.71 -22.20
CA THR B 81 10.19 7.44 -23.29
C THR B 81 10.98 7.75 -24.58
N PRO B 82 10.48 7.29 -25.74
CA PRO B 82 11.19 7.55 -27.00
C PRO B 82 11.57 8.99 -27.24
N ALA B 83 10.65 9.91 -26.95
CA ALA B 83 10.89 11.34 -27.08
C ALA B 83 10.80 12.01 -25.72
N LEU B 84 11.35 13.22 -25.61
CA LEU B 84 11.25 13.98 -24.37
C LEU B 84 9.78 14.14 -23.95
N ARG B 85 9.56 14.25 -22.65
CA ARG B 85 8.23 14.50 -22.09
C ARG B 85 8.40 15.58 -21.06
N GLU B 86 7.47 16.55 -21.09
CA GLU B 86 7.41 17.62 -20.11
C GLU B 86 6.94 17.09 -18.73
N GLY B 87 6.15 16.03 -18.76
CA GLY B 87 5.56 15.49 -17.53
C GLY B 87 4.33 16.29 -17.14
N ASN B 88 3.86 16.05 -15.91
CA ASN B 88 2.59 16.60 -15.44
C ASN B 88 2.72 18.03 -14.94
N PRO B 89 1.59 18.77 -14.88
CA PRO B 89 1.62 20.10 -14.27
C PRO B 89 2.02 20.05 -12.80
N THR B 90 2.72 21.09 -12.34
CA THR B 90 3.17 21.18 -10.96
C THR B 90 2.08 21.83 -10.08
N PRO B 91 2.10 21.59 -8.76
CA PRO B 91 3.02 20.73 -8.03
C PRO B 91 2.70 19.27 -8.36
N ARG B 92 3.75 18.47 -8.54
CA ARG B 92 3.56 17.08 -8.92
C ARG B 92 4.37 16.17 -8.00
N TYR B 93 5.08 16.78 -7.08
CA TYR B 93 5.78 16.06 -6.01
C TYR B 93 5.59 16.81 -4.70
N GLN B 94 5.35 16.08 -3.63
CA GLN B 94 5.34 16.66 -2.28
C GLN B 94 6.04 15.75 -1.29
N ALA B 95 7.05 16.30 -0.62
CA ALA B 95 7.72 15.61 0.48
C ALA B 95 6.81 15.66 1.69
N LEU B 96 6.82 14.59 2.47
CA LEU B 96 5.89 14.42 3.58
C LEU B 96 6.64 13.90 4.81
N PRO B 97 6.08 14.13 6.01
CA PRO B 97 6.70 13.55 7.21
C PRO B 97 7.03 12.06 7.03
N LEU B 98 6.13 11.31 6.40
CA LEU B 98 6.32 9.86 6.30
C LEU B 98 6.70 9.40 4.91
N GLY B 99 7.11 10.33 4.06
CA GLY B 99 7.60 9.95 2.75
C GLY B 99 7.41 11.01 1.69
N SER B 100 6.75 10.61 0.62
CA SER B 100 6.47 11.50 -0.50
C SER B 100 5.27 10.98 -1.26
N ILE B 101 4.68 11.88 -2.04
CA ILE B 101 3.67 11.54 -3.01
C ILE B 101 4.05 12.27 -4.30
N ASN B 102 3.87 11.60 -5.42
CA ASN B 102 4.17 12.23 -6.69
C ASN B 102 3.27 11.74 -7.78
N SER B 103 3.03 12.62 -8.75
CA SER B 103 2.52 12.25 -10.05
C SER B 103 3.34 13.02 -11.08
N MET B 104 4.60 12.63 -11.24
CA MET B 104 5.52 13.36 -12.13
C MET B 104 5.06 13.33 -13.59
N GLY B 105 4.56 12.17 -14.01
CA GLY B 105 4.09 11.99 -15.39
C GLY B 105 5.21 11.71 -16.39
N LEU B 106 6.24 11.03 -15.91
CA LEU B 106 7.43 10.68 -16.71
C LEU B 106 8.10 11.88 -17.42
N PRO B 107 8.40 12.97 -16.68
CA PRO B 107 9.13 14.03 -17.37
C PRO B 107 10.55 13.51 -17.57
N ASN B 108 11.02 13.54 -18.82
CA ASN B 108 12.32 12.95 -19.11
C ASN B 108 12.82 13.50 -20.42
N ASN B 109 14.13 13.41 -20.62
CA ASN B 109 14.78 13.99 -21.79
C ASN B 109 14.66 13.17 -23.06
N GLY B 110 14.03 12.00 -22.96
CA GLY B 110 13.84 11.12 -24.09
C GLY B 110 14.96 10.11 -24.19
N PHE B 111 14.67 8.99 -24.84
CA PHE B 111 15.60 7.88 -24.95
C PHE B 111 16.96 8.28 -25.53
N ASP B 112 16.97 9.05 -26.62
CA ASP B 112 18.23 9.45 -27.26
C ASP B 112 19.19 10.06 -26.26
N PHE B 113 18.66 10.92 -25.39
CA PHE B 113 19.46 11.60 -24.37
C PHE B 113 20.16 10.62 -23.41
N TYR B 114 19.39 9.68 -22.86
CA TYR B 114 19.92 8.71 -21.92
C TYR B 114 20.80 7.69 -22.60
N LEU B 115 20.46 7.36 -23.84
CA LEU B 115 21.30 6.50 -24.67
C LEU B 115 22.66 7.15 -24.91
N ALA B 116 22.65 8.44 -25.27
CA ALA B 116 23.89 9.21 -25.47
C ALA B 116 24.71 9.30 -24.20
N TYR B 117 24.04 9.50 -23.05
CA TYR B 117 24.76 9.54 -21.80
C TYR B 117 25.49 8.20 -21.56
N ALA B 118 24.77 7.10 -21.75
CA ALA B 118 25.33 5.77 -21.56
C ALA B 118 26.45 5.47 -22.56
N ALA B 119 26.21 5.79 -23.83
CA ALA B 119 27.15 5.49 -24.92
C ALA B 119 28.42 6.34 -24.90
N GLU B 120 28.30 7.61 -24.55
CA GLU B 120 29.34 8.61 -24.81
CA GLU B 120 29.41 8.54 -24.78
C GLU B 120 29.86 9.34 -23.56
N GLN B 121 29.00 9.46 -22.54
CA GLN B 121 29.37 10.33 -21.41
C GLN B 121 29.72 9.64 -20.10
N HIS B 122 29.01 8.57 -19.80
CA HIS B 122 29.13 7.98 -18.47
C HIS B 122 30.50 7.35 -18.25
N ASP B 123 31.11 7.66 -17.12
CA ASP B 123 32.37 7.03 -16.72
C ASP B 123 32.13 5.69 -16.03
N TYR B 124 32.24 4.61 -16.81
CA TYR B 124 32.03 3.25 -16.30
C TYR B 124 33.15 2.83 -15.36
N GLY B 125 34.27 3.55 -15.42
CA GLY B 125 35.38 3.36 -14.50
C GLY B 125 35.02 3.77 -13.08
N LYS B 126 34.04 4.67 -12.95
CA LYS B 126 33.57 5.09 -11.65
C LYS B 126 32.56 4.09 -11.07
N LYS B 127 31.53 3.75 -11.84
CA LYS B 127 30.51 2.77 -11.41
C LYS B 127 29.67 2.32 -12.58
N PRO B 128 29.04 1.14 -12.46
CA PRO B 128 28.13 0.70 -13.50
C PRO B 128 26.90 1.62 -13.61
N LEU B 129 26.25 1.54 -14.75
CA LEU B 129 25.11 2.40 -15.07
C LEU B 129 23.93 1.57 -15.47
N PHE B 130 22.78 1.88 -14.87
CA PHE B 130 21.51 1.32 -15.29
C PHE B 130 20.73 2.38 -16.03
N LEU B 131 20.05 1.97 -17.07
CA LEU B 131 19.20 2.86 -17.83
C LEU B 131 17.77 2.38 -17.64
N SER B 132 16.94 3.25 -17.06
CA SER B 132 15.53 2.89 -16.89
C SER B 132 14.75 3.28 -18.12
N MET B 133 13.94 2.33 -18.57
CA MET B 133 13.14 2.54 -19.76
C MET B 133 11.67 2.37 -19.43
N SER B 134 10.86 3.33 -19.86
CA SER B 134 9.43 3.25 -19.59
C SER B 134 8.62 3.70 -20.80
N GLY B 135 8.72 2.93 -21.88
CA GLY B 135 7.93 3.19 -23.08
C GLY B 135 6.46 3.12 -22.72
N LEU B 136 5.66 3.98 -23.37
CA LEU B 136 4.23 4.03 -23.13
C LEU B 136 3.48 2.95 -23.92
N SER B 137 4.24 2.14 -24.66
CA SER B 137 3.70 0.96 -25.30
C SER B 137 4.80 -0.09 -25.43
N MET B 138 4.38 -1.33 -25.65
CA MET B 138 5.30 -2.41 -25.91
C MET B 138 6.17 -2.11 -27.13
N ARG B 139 5.54 -1.58 -28.19
CA ARG B 139 6.27 -1.21 -29.40
C ARG B 139 7.37 -0.18 -29.11
N GLU B 140 7.08 0.79 -28.26
CA GLU B 140 8.05 1.81 -27.87
C GLU B 140 9.24 1.19 -27.16
N ASN B 141 8.96 0.32 -26.19
CA ASN B 141 10.01 -0.44 -25.52
C ASN B 141 10.82 -1.28 -26.49
N VAL B 142 10.12 -1.98 -27.39
CA VAL B 142 10.81 -2.82 -28.38
C VAL B 142 11.78 -1.98 -29.23
N GLU B 143 11.30 -0.84 -29.71
CA GLU B 143 12.11 0.03 -30.57
C GLU B 143 13.29 0.67 -29.85
N MET B 144 13.08 1.06 -28.59
CA MET B 144 14.17 1.55 -27.77
C MET B 144 15.19 0.45 -27.47
N CYS B 145 14.71 -0.74 -27.12
CA CYS B 145 15.64 -1.84 -26.82
C CYS B 145 16.50 -2.24 -28.02
N LYS B 146 15.91 -2.26 -29.20
CA LYS B 146 16.66 -2.51 -30.44
C LYS B 146 17.90 -1.60 -30.51
N ARG B 147 17.71 -0.32 -30.19
CA ARG B 147 18.79 0.65 -30.23
C ARG B 147 19.71 0.57 -29.01
N LEU B 148 19.15 0.23 -27.87
CA LEU B 148 19.95 0.10 -26.65
C LEU B 148 20.92 -1.08 -26.72
N ALA B 149 20.52 -2.13 -27.44
CA ALA B 149 21.32 -3.36 -27.56
C ALA B 149 22.81 -3.08 -27.82
N ALA B 150 23.10 -2.28 -28.84
CA ALA B 150 24.48 -2.02 -29.25
C ALA B 150 25.28 -1.33 -28.15
N VAL B 151 24.64 -0.36 -27.50
CA VAL B 151 25.26 0.38 -26.42
C VAL B 151 25.48 -0.50 -25.18
N ALA B 152 24.52 -1.36 -24.86
CA ALA B 152 24.71 -2.35 -23.80
C ALA B 152 25.94 -3.22 -24.12
N THR B 153 26.03 -3.69 -25.37
CA THR B 153 27.17 -4.52 -25.79
C THR B 153 28.48 -3.76 -25.64
N GLU B 154 28.51 -2.55 -26.19
CA GLU B 154 29.73 -1.76 -26.30
C GLU B 154 30.18 -1.15 -24.98
N LYS B 155 29.23 -0.72 -24.16
CA LYS B 155 29.53 0.08 -22.97
C LYS B 155 29.16 -0.58 -21.64
N GLY B 156 28.21 -1.53 -21.69
CA GLY B 156 27.84 -2.29 -20.50
C GLY B 156 26.72 -1.70 -19.67
N VAL B 157 26.11 -0.61 -20.14
CA VAL B 157 24.87 -0.09 -19.53
C VAL B 157 23.84 -1.23 -19.39
N ILE B 158 23.14 -1.25 -18.25
CA ILE B 158 22.21 -2.33 -17.95
C ILE B 158 20.78 -1.81 -17.93
N LEU B 159 19.92 -2.46 -18.69
CA LEU B 159 18.50 -2.08 -18.75
C LEU B 159 17.74 -2.41 -17.45
N GLU B 160 17.07 -1.39 -16.89
CA GLU B 160 15.99 -1.63 -15.95
C GLU B 160 14.70 -1.22 -16.64
N LEU B 161 13.93 -2.22 -17.02
CA LEU B 161 12.69 -2.03 -17.74
C LEU B 161 11.57 -1.81 -16.74
N ASN B 162 11.00 -0.61 -16.79
CA ASN B 162 9.90 -0.22 -15.95
C ASN B 162 8.64 -0.90 -16.45
N LEU B 163 8.15 -1.88 -15.70
CA LEU B 163 6.90 -2.56 -16.05
C LEU B 163 5.70 -1.84 -15.43
N ASP B 177 -1.38 -6.40 -14.93
CA ASP B 177 -1.86 -7.11 -16.11
C ASP B 177 -0.81 -8.13 -16.58
N PHE B 178 -0.98 -9.37 -16.14
CA PHE B 178 0.04 -10.41 -16.36
C PHE B 178 0.15 -10.90 -17.80
N ASP B 179 -0.95 -10.82 -18.54
CA ASP B 179 -0.96 -11.15 -19.96
C ASP B 179 -0.06 -10.17 -20.72
N ALA B 180 -0.30 -8.89 -20.48
CA ALA B 180 0.48 -7.82 -21.08
C ALA B 180 1.96 -7.92 -20.70
N MET B 181 2.20 -8.29 -19.44
CA MET B 181 3.55 -8.43 -18.92
C MET B 181 4.35 -9.50 -19.65
N ARG B 182 3.79 -10.70 -19.75
CA ARG B 182 4.46 -11.79 -20.47
C ARG B 182 4.72 -11.36 -21.92
N GLN B 183 3.69 -10.79 -22.55
CA GLN B 183 3.78 -10.33 -23.93
C GLN B 183 4.89 -9.30 -24.09
N CYS B 184 4.97 -8.36 -23.15
CA CYS B 184 5.99 -7.31 -23.21
C CYS B 184 7.38 -7.89 -23.07
N LEU B 185 7.55 -8.79 -22.09
CA LEU B 185 8.84 -9.44 -21.86
C LEU B 185 9.27 -10.31 -23.05
N THR B 186 8.30 -10.95 -23.70
CA THR B 186 8.59 -11.75 -24.89
C THR B 186 9.13 -10.83 -26.00
N ALA B 187 8.42 -9.73 -26.23
CA ALA B 187 8.77 -8.79 -27.28
C ALA B 187 10.13 -8.13 -27.04
N VAL B 188 10.39 -7.74 -25.79
CA VAL B 188 11.69 -7.19 -25.42
C VAL B 188 12.80 -8.25 -25.54
N SER B 189 12.57 -9.45 -24.98
CA SER B 189 13.58 -10.52 -25.03
C SER B 189 13.96 -10.89 -26.47
N GLU B 190 13.01 -10.71 -27.37
CA GLU B 190 13.17 -11.03 -28.79
C GLU B 190 14.22 -10.15 -29.47
N VAL B 191 14.27 -8.89 -29.06
CA VAL B 191 15.07 -7.88 -29.76
C VAL B 191 16.27 -7.41 -28.94
N TYR B 192 16.29 -7.79 -27.67
CA TYR B 192 17.32 -7.33 -26.74
C TYR B 192 18.17 -8.52 -26.29
N PRO B 193 19.38 -8.68 -26.88
CA PRO B 193 20.21 -9.84 -26.59
C PRO B 193 21.10 -9.64 -25.36
N HIS B 194 20.49 -9.17 -24.26
CA HIS B 194 21.23 -8.95 -23.04
C HIS B 194 20.36 -9.27 -21.85
N SER B 195 21.01 -9.51 -20.71
CA SER B 195 20.34 -9.59 -19.43
CA SER B 195 20.31 -9.59 -19.46
C SER B 195 19.76 -8.21 -19.13
N PHE B 196 18.64 -8.18 -18.42
CA PHE B 196 18.08 -6.94 -17.93
C PHE B 196 17.28 -7.21 -16.66
N GLY B 197 16.77 -6.15 -16.08
CA GLY B 197 15.91 -6.26 -14.92
C GLY B 197 14.60 -5.56 -15.17
N VAL B 198 13.66 -5.81 -14.28
CA VAL B 198 12.34 -5.24 -14.39
C VAL B 198 12.00 -4.49 -13.10
N LYS B 199 11.45 -3.29 -13.26
CA LYS B 199 10.98 -2.53 -12.12
C LYS B 199 9.50 -2.86 -11.90
N MET B 200 9.18 -3.39 -10.73
CA MET B 200 7.84 -3.91 -10.48
C MET B 200 7.02 -2.99 -9.60
N PRO B 201 5.70 -2.96 -9.81
CA PRO B 201 4.85 -2.28 -8.85
C PRO B 201 4.71 -3.21 -7.65
N PRO B 202 4.32 -2.69 -6.48
CA PRO B 202 4.10 -3.60 -5.37
C PRO B 202 2.86 -4.48 -5.60
N TYR B 203 2.94 -5.72 -5.13
CA TYR B 203 1.78 -6.59 -5.03
C TYR B 203 1.45 -6.79 -3.56
N PHE B 204 0.24 -7.24 -3.32
CA PHE B 204 -0.36 -7.22 -1.98
C PHE B 204 -0.98 -8.55 -1.58
N ASP B 205 -0.73 -9.59 -2.36
CA ASP B 205 -1.13 -10.93 -1.99
C ASP B 205 -0.30 -11.99 -2.67
N PHE B 206 -0.34 -13.20 -2.10
CA PHE B 206 0.51 -14.29 -2.55
C PHE B 206 0.09 -14.76 -3.94
N ALA B 207 -1.20 -14.66 -4.25
CA ALA B 207 -1.70 -14.98 -5.58
C ALA B 207 -0.95 -14.17 -6.64
N HIS B 208 -0.78 -12.88 -6.37
CA HIS B 208 -0.09 -12.00 -7.31
C HIS B 208 1.42 -12.20 -7.26
N PHE B 209 2.00 -12.42 -6.08
CA PHE B 209 3.43 -12.77 -6.01
C PHE B 209 3.70 -14.00 -6.87
N ASP B 210 2.87 -15.02 -6.71
CA ASP B 210 3.02 -16.27 -7.47
C ASP B 210 2.90 -16.04 -8.97
N ALA B 211 1.84 -15.34 -9.37
CA ALA B 211 1.57 -15.09 -10.78
C ALA B 211 2.68 -14.27 -11.43
N ALA B 212 3.09 -13.20 -10.74
CA ALA B 212 4.14 -12.33 -11.23
C ALA B 212 5.47 -13.09 -11.33
N ALA B 213 5.80 -13.83 -10.26
CA ALA B 213 7.03 -14.63 -10.24
C ALA B 213 7.06 -15.64 -11.38
N GLU B 214 5.92 -16.29 -11.62
CA GLU B 214 5.80 -17.32 -12.67
C GLU B 214 6.15 -16.72 -14.02
N ILE B 215 5.58 -15.55 -14.31
CA ILE B 215 5.87 -14.89 -15.58
C ILE B 215 7.35 -14.53 -15.65
N LEU B 216 7.88 -13.88 -14.62
CA LEU B 216 9.27 -13.43 -14.65
C LEU B 216 10.24 -14.59 -14.81
N ASN B 217 9.94 -15.70 -14.13
CA ASN B 217 10.73 -16.93 -14.24
C ASN B 217 10.70 -17.58 -15.62
N GLU B 218 9.75 -17.19 -16.46
CA GLU B 218 9.72 -17.63 -17.86
C GLU B 218 10.82 -16.98 -18.68
N PHE B 219 11.41 -15.91 -18.14
CA PHE B 219 12.35 -15.10 -18.90
C PHE B 219 13.71 -15.05 -18.24
N PRO B 220 14.63 -15.90 -18.72
CA PRO B 220 15.97 -15.98 -18.17
C PRO B 220 16.74 -14.68 -18.29
N LYS B 221 16.47 -13.90 -19.34
CA LYS B 221 17.11 -12.59 -19.52
C LYS B 221 16.77 -11.61 -18.39
N VAL B 222 15.62 -11.82 -17.75
CA VAL B 222 15.27 -11.00 -16.59
C VAL B 222 16.11 -11.52 -15.43
N GLN B 223 17.23 -10.85 -15.20
CA GLN B 223 18.18 -11.32 -14.19
C GLN B 223 18.04 -10.61 -12.85
N PHE B 224 17.33 -9.47 -12.86
CA PHE B 224 17.00 -8.82 -11.62
C PHE B 224 15.59 -8.24 -11.64
N ILE B 225 15.03 -8.11 -10.45
CA ILE B 225 13.68 -7.61 -10.24
C ILE B 225 13.84 -6.51 -9.20
N THR B 226 13.37 -5.32 -9.54
CA THR B 226 13.40 -4.21 -8.61
C THR B 226 12.03 -4.05 -7.97
N CYS B 227 12.00 -4.26 -6.66
CA CYS B 227 10.80 -4.15 -5.86
C CYS B 227 11.12 -3.06 -4.85
N ILE B 228 10.44 -1.91 -4.89
CA ILE B 228 9.18 -1.70 -5.59
C ILE B 228 9.10 -0.29 -6.15
N ASN B 229 8.23 -0.11 -7.13
CA ASN B 229 7.82 1.21 -7.53
C ASN B 229 6.89 1.69 -6.43
N SER B 230 6.35 2.89 -6.59
CA SER B 230 5.53 3.51 -5.55
C SER B 230 4.31 2.69 -5.21
N ILE B 231 3.82 2.84 -3.98
CA ILE B 231 2.46 2.38 -3.68
C ILE B 231 1.55 3.35 -4.43
N GLY B 232 0.81 2.82 -5.40
CA GLY B 232 0.14 3.64 -6.40
C GLY B 232 -1.04 4.40 -5.85
N ASN B 233 -1.21 5.62 -6.36
CA ASN B 233 -2.45 6.37 -6.15
C ASN B 233 -2.95 6.49 -4.71
N GLY B 234 -2.04 6.87 -3.82
CA GLY B 234 -2.41 7.39 -2.52
C GLY B 234 -2.99 8.79 -2.71
N LEU B 235 -3.62 9.31 -1.67
CA LEU B 235 -4.19 10.65 -1.73
C LEU B 235 -3.81 11.34 -0.45
N VAL B 236 -2.90 12.30 -0.56
CA VAL B 236 -2.52 13.12 0.59
C VAL B 236 -3.43 14.34 0.64
N ILE B 237 -4.02 14.56 1.81
CA ILE B 237 -4.83 15.74 2.04
C ILE B 237 -4.16 16.54 3.15
N ASP B 238 -3.93 17.82 2.88
CA ASP B 238 -3.40 18.75 3.87
C ASP B 238 -4.58 19.23 4.72
N ALA B 239 -4.57 18.93 6.01
CA ALA B 239 -5.69 19.28 6.89
C ALA B 239 -5.86 20.80 6.98
N GLU B 240 -4.76 21.52 6.88
CA GLU B 240 -4.78 22.98 7.03
C GLU B 240 -5.46 23.64 5.82
N THR B 241 -5.05 23.27 4.62
CA THR B 241 -5.61 23.84 3.40
C THR B 241 -6.88 23.13 2.92
N GLU B 242 -7.20 22.00 3.54
CA GLU B 242 -8.37 21.19 3.16
C GLU B 242 -8.34 20.84 1.68
N SER B 243 -7.13 20.56 1.21
CA SER B 243 -6.92 20.28 -0.18
C SER B 243 -5.92 19.15 -0.34
N VAL B 244 -5.87 18.63 -1.56
CA VAL B 244 -4.79 17.73 -1.97
C VAL B 244 -3.48 18.51 -2.10
N VAL B 245 -2.37 17.82 -2.33
CA VAL B 245 -1.07 18.49 -2.30
C VAL B 245 -0.35 18.43 -3.63
N ILE B 246 -0.90 17.64 -4.56
CA ILE B 246 -0.40 17.64 -5.92
C ILE B 246 -1.53 17.87 -6.91
N LYS B 247 -1.18 18.46 -8.05
CA LYS B 247 -2.17 18.93 -9.01
C LYS B 247 -2.71 17.84 -9.94
N PRO B 248 -1.83 17.00 -10.51
CA PRO B 248 -2.36 16.02 -11.44
C PRO B 248 -3.32 15.03 -10.76
N LYS B 249 -4.23 14.48 -11.56
CA LYS B 249 -5.05 13.33 -11.18
C LYS B 249 -5.80 13.56 -9.85
N GLN B 250 -6.34 14.76 -9.66
CA GLN B 250 -7.14 15.09 -8.47
C GLN B 250 -6.39 14.83 -7.15
N GLY B 251 -5.07 14.92 -7.20
CA GLY B 251 -4.25 14.76 -6.00
C GLY B 251 -3.73 13.35 -5.75
N PHE B 252 -4.20 12.39 -6.54
CA PHE B 252 -3.76 10.99 -6.40
C PHE B 252 -2.37 10.81 -7.01
N GLY B 253 -1.51 10.09 -6.30
CA GLY B 253 -0.15 9.90 -6.76
C GLY B 253 0.54 8.80 -5.99
N GLY B 254 1.69 8.39 -6.51
CA GLY B 254 2.43 7.26 -5.94
C GLY B 254 3.11 7.65 -4.64
N LEU B 255 3.04 6.76 -3.66
CA LEU B 255 3.63 6.99 -2.36
C LEU B 255 5.00 6.37 -2.31
N GLY B 256 5.95 7.12 -1.76
CA GLY B 256 7.28 6.60 -1.47
C GLY B 256 7.65 6.89 -0.03
N GLY B 257 8.80 6.39 0.39
CA GLY B 257 9.35 6.73 1.69
C GLY B 257 8.86 5.79 2.78
N ARG B 258 8.74 6.32 4.00
CA ARG B 258 8.42 5.49 5.16
C ARG B 258 7.12 4.72 5.04
N TYR B 259 6.13 5.30 4.38
CA TYR B 259 4.88 4.61 4.08
C TYR B 259 5.09 3.22 3.48
N VAL B 260 6.13 3.07 2.66
CA VAL B 260 6.19 1.91 1.77
C VAL B 260 7.13 0.80 2.20
N LEU B 261 7.83 1.00 3.32
CA LEU B 261 8.90 0.08 3.66
C LEU B 261 8.42 -1.37 3.85
N PRO B 262 7.41 -1.61 4.73
CA PRO B 262 6.95 -3.01 4.84
C PRO B 262 6.44 -3.63 3.54
N THR B 263 5.82 -2.82 2.69
CA THR B 263 5.37 -3.30 1.39
C THR B 263 6.59 -3.63 0.53
N ALA B 264 7.60 -2.76 0.56
CA ALA B 264 8.81 -3.01 -0.22
C ALA B 264 9.49 -4.31 0.26
N LEU B 265 9.65 -4.44 1.58
CA LEU B 265 10.26 -5.62 2.19
C LEU B 265 9.49 -6.88 1.78
N ALA B 266 8.16 -6.78 1.81
CA ALA B 266 7.29 -7.92 1.44
C ALA B 266 7.58 -8.32 0.01
N ASN B 267 7.67 -7.33 -0.88
CA ASN B 267 7.84 -7.64 -2.28
C ASN B 267 9.24 -8.15 -2.57
N ILE B 268 10.23 -7.51 -1.97
CA ILE B 268 11.61 -7.97 -2.08
C ILE B 268 11.68 -9.45 -1.66
N ASN B 269 11.13 -9.74 -0.49
CA ASN B 269 11.24 -11.09 0.02
C ASN B 269 10.40 -12.07 -0.79
N ALA B 270 9.19 -11.67 -1.18
CA ALA B 270 8.31 -12.52 -1.97
C ALA B 270 8.98 -12.98 -3.27
N PHE B 271 9.60 -12.02 -3.97
CA PHE B 271 10.28 -12.35 -5.22
C PHE B 271 11.64 -13.01 -4.97
N TYR B 272 12.28 -12.65 -3.86
CA TYR B 272 13.52 -13.31 -3.48
C TYR B 272 13.28 -14.83 -3.37
N ARG B 273 12.19 -15.19 -2.67
CA ARG B 273 11.79 -16.57 -2.49
C ARG B 273 11.35 -17.25 -3.80
N ARG B 274 10.56 -16.52 -4.60
CA ARG B 274 9.89 -17.14 -5.74
C ARG B 274 10.73 -17.15 -7.00
N CYS B 275 11.77 -16.31 -7.02
CA CYS B 275 12.64 -16.22 -8.18
C CYS B 275 14.08 -16.47 -7.76
N PRO B 276 14.38 -17.70 -7.30
CA PRO B 276 15.72 -17.99 -6.76
C PRO B 276 16.83 -17.85 -7.81
N GLY B 277 16.46 -17.88 -9.09
CA GLY B 277 17.42 -17.75 -10.17
C GLY B 277 17.76 -16.31 -10.53
N LYS B 278 17.14 -15.36 -9.86
CA LYS B 278 17.30 -13.96 -10.15
C LYS B 278 17.78 -13.19 -8.93
N LEU B 279 18.29 -12.00 -9.16
CA LEU B 279 18.57 -11.09 -8.07
C LEU B 279 17.41 -10.13 -7.86
N ILE B 280 17.29 -9.64 -6.63
CA ILE B 280 16.29 -8.62 -6.29
C ILE B 280 17.01 -7.34 -5.95
N PHE B 281 16.54 -6.24 -6.53
CA PHE B 281 16.97 -4.92 -6.10
C PHE B 281 15.84 -4.37 -5.22
N GLY B 282 16.22 -3.88 -4.06
CA GLY B 282 15.26 -3.31 -3.13
C GLY B 282 15.07 -1.85 -3.48
N CYS B 283 13.83 -1.40 -3.36
CA CYS B 283 13.50 0.02 -3.54
C CYS B 283 12.27 0.30 -2.71
N GLY B 284 12.37 1.28 -1.81
CA GLY B 284 11.22 1.66 -1.04
C GLY B 284 11.54 1.87 0.41
N GLY B 285 11.41 3.12 0.86
CA GLY B 285 11.51 3.45 2.27
C GLY B 285 12.88 3.41 2.91
N VAL B 286 13.94 3.47 2.10
CA VAL B 286 15.30 3.44 2.64
C VAL B 286 15.70 4.87 3.01
N TYR B 287 15.89 5.12 4.31
CA TYR B 287 16.40 6.40 4.78
C TYR B 287 17.75 6.23 5.47
N THR B 288 18.00 5.03 5.99
CA THR B 288 19.17 4.81 6.84
C THR B 288 19.86 3.52 6.42
N GLY B 289 21.07 3.31 6.92
CA GLY B 289 21.78 2.04 6.74
C GLY B 289 20.99 0.86 7.32
N GLU B 290 20.26 1.12 8.39
CA GLU B 290 19.39 0.11 9.00
C GLU B 290 18.25 -0.32 8.09
N ASP B 291 17.60 0.64 7.42
CA ASP B 291 16.57 0.35 6.42
C ASP B 291 17.16 -0.51 5.32
N ALA B 292 18.38 -0.18 4.91
CA ALA B 292 19.07 -0.92 3.85
C ALA B 292 19.40 -2.32 4.34
N PHE B 293 19.84 -2.42 5.61
CA PHE B 293 20.06 -3.72 6.25
C PHE B 293 18.81 -4.59 6.10
N LEU B 294 17.65 -4.00 6.41
CA LEU B 294 16.36 -4.70 6.25
C LEU B 294 16.10 -5.16 4.81
N HIS B 295 16.33 -4.27 3.85
CA HIS B 295 16.22 -4.63 2.42
C HIS B 295 17.07 -5.86 2.11
N VAL B 296 18.31 -5.85 2.58
CA VAL B 296 19.23 -6.93 2.23
C VAL B 296 18.78 -8.23 2.94
N LEU B 297 18.41 -8.10 4.21
CA LEU B 297 17.88 -9.23 4.97
C LEU B 297 16.69 -9.88 4.26
N ALA B 298 15.83 -9.05 3.65
CA ALA B 298 14.66 -9.52 2.90
C ALA B 298 15.07 -10.19 1.57
N GLY B 299 16.27 -9.89 1.09
CA GLY B 299 16.76 -10.54 -0.13
C GLY B 299 17.43 -9.62 -1.15
N ALA B 300 17.47 -8.32 -0.88
CA ALA B 300 18.01 -7.32 -1.83
C ALA B 300 19.51 -7.46 -2.07
N SER B 301 19.89 -7.37 -3.34
CA SER B 301 21.28 -7.29 -3.76
C SER B 301 21.67 -5.81 -3.82
N MET B 302 20.97 -5.04 -4.65
CA MET B 302 21.17 -3.59 -4.71
C MET B 302 20.05 -2.96 -3.92
N VAL B 303 20.28 -1.75 -3.42
CA VAL B 303 19.29 -1.03 -2.62
C VAL B 303 19.15 0.37 -3.21
N GLN B 304 17.96 0.65 -3.72
CA GLN B 304 17.69 1.94 -4.34
C GLN B 304 17.05 2.90 -3.35
N VAL B 305 17.38 4.18 -3.53
CA VAL B 305 16.95 5.22 -2.60
C VAL B 305 16.27 6.30 -3.42
N GLY B 306 14.99 6.53 -3.11
CA GLY B 306 14.19 7.49 -3.86
C GLY B 306 13.93 8.72 -3.03
N THR B 307 12.83 8.69 -2.30
CA THR B 307 12.38 9.82 -1.49
C THR B 307 13.47 10.42 -0.62
N ALA B 308 14.25 9.57 0.07
CA ALA B 308 15.27 10.07 0.98
C ALA B 308 16.35 10.83 0.22
N LEU B 309 16.69 10.33 -0.97
CA LEU B 309 17.66 10.97 -1.85
C LEU B 309 17.11 12.30 -2.37
N GLN B 310 15.82 12.30 -2.74
CA GLN B 310 15.17 13.54 -3.17
C GLN B 310 15.33 14.62 -2.11
N GLU B 311 15.13 14.24 -0.86
CA GLU B 311 15.16 15.21 0.23
C GLU B 311 16.58 15.62 0.66
N GLU B 312 17.55 14.73 0.45
CA GLU B 312 18.88 14.93 1.01
C GLU B 312 19.94 15.22 -0.04
N GLY B 313 19.71 14.83 -1.29
CA GLY B 313 20.71 14.96 -2.34
C GLY B 313 21.73 13.84 -2.25
N PRO B 314 22.64 13.76 -3.25
CA PRO B 314 23.51 12.59 -3.41
C PRO B 314 24.53 12.36 -2.30
N SER B 315 24.72 13.33 -1.41
CA SER B 315 25.58 13.13 -0.24
C SER B 315 25.04 12.01 0.66
N ILE B 316 23.76 11.71 0.50
CA ILE B 316 23.11 10.66 1.28
C ILE B 316 23.88 9.33 1.18
N PHE B 317 24.51 9.06 0.04
CA PHE B 317 25.16 7.76 -0.15
C PHE B 317 26.36 7.54 0.73
N GLU B 318 27.05 8.63 1.03
CA GLU B 318 28.18 8.60 1.96
C GLU B 318 27.66 8.21 3.36
N ARG B 319 26.53 8.80 3.74
CA ARG B 319 25.90 8.53 5.03
C ARG B 319 25.37 7.10 5.08
N LEU B 320 24.70 6.68 4.01
CA LEU B 320 24.12 5.33 3.94
C LEU B 320 25.19 4.22 3.98
N THR B 321 26.30 4.41 3.26
CA THR B 321 27.38 3.42 3.24
C THR B 321 27.98 3.30 4.64
N SER B 322 28.22 4.45 5.25
CA SER B 322 28.74 4.52 6.60
C SER B 322 27.79 3.88 7.63
N GLU B 323 26.50 4.18 7.49
CA GLU B 323 25.50 3.62 8.39
C GLU B 323 25.33 2.11 8.24
N LEU B 324 25.30 1.63 7.00
CA LEU B 324 25.19 0.19 6.78
C LEU B 324 26.40 -0.57 7.31
N LEU B 325 27.59 0.00 7.11
CA LEU B 325 28.80 -0.59 7.68
C LEU B 325 28.73 -0.60 9.21
N GLY B 326 28.20 0.47 9.79
CA GLY B 326 28.01 0.59 11.24
C GLY B 326 27.03 -0.46 11.78
N VAL B 327 25.92 -0.64 11.07
CA VAL B 327 24.96 -1.69 11.38
C VAL B 327 25.62 -3.07 11.30
N MET B 328 26.37 -3.31 10.23
CA MET B 328 27.03 -4.60 10.02
C MET B 328 28.09 -4.87 11.09
N ALA B 329 28.85 -3.84 11.45
CA ALA B 329 29.85 -3.96 12.51
C ALA B 329 29.21 -4.35 13.84
N LYS B 330 28.11 -3.67 14.21
CA LYS B 330 27.39 -3.96 15.45
C LYS B 330 26.84 -5.38 15.45
N LYS B 331 26.49 -5.88 14.27
CA LYS B 331 25.85 -7.18 14.11
C LYS B 331 26.83 -8.28 13.73
N ARG B 332 28.10 -7.91 13.60
CA ARG B 332 29.20 -8.83 13.30
C ARG B 332 28.99 -9.52 11.95
N TYR B 333 28.69 -8.69 10.95
CA TYR B 333 28.65 -9.10 9.56
C TYR B 333 29.79 -8.40 8.83
N GLN B 334 30.42 -9.14 7.94
CA GLN B 334 31.52 -8.61 7.16
C GLN B 334 31.12 -8.35 5.73
N THR B 335 30.21 -9.17 5.20
CA THR B 335 29.74 -9.03 3.82
C THR B 335 28.22 -9.10 3.78
N LEU B 336 27.65 -8.60 2.69
CA LEU B 336 26.20 -8.63 2.48
C LEU B 336 25.71 -10.05 2.25
N ASP B 337 26.49 -10.85 1.54
CA ASP B 337 26.21 -12.29 1.31
C ASP B 337 25.85 -13.03 2.60
N GLU B 338 26.45 -12.60 3.70
CA GLU B 338 26.29 -13.26 5.00
C GLU B 338 24.89 -13.17 5.63
N PHE B 339 24.10 -12.19 5.20
CA PHE B 339 22.75 -12.06 5.71
C PHE B 339 21.69 -11.80 4.63
N ARG B 340 22.10 -11.61 3.39
CA ARG B 340 21.14 -11.38 2.32
C ARG B 340 20.09 -12.48 2.25
N GLY B 341 18.82 -12.11 2.38
CA GLY B 341 17.73 -13.05 2.26
C GLY B 341 17.52 -13.91 3.49
N LYS B 342 18.30 -13.65 4.55
CA LYS B 342 18.33 -14.52 5.72
C LYS B 342 17.39 -14.11 6.86
N VAL B 343 16.43 -13.24 6.55
CA VAL B 343 15.40 -12.86 7.52
C VAL B 343 14.80 -14.13 8.13
N ARG B 344 14.70 -14.15 9.46
CA ARG B 344 14.21 -15.32 10.17
C ARG B 344 12.69 -15.24 10.31
N THR B 345 12.02 -16.31 9.92
CA THR B 345 10.59 -16.45 10.15
C THR B 345 10.34 -17.20 11.46
N LEU B 346 9.13 -17.06 11.99
CA LEU B 346 8.76 -17.65 13.27
C LEU B 346 7.94 -18.92 13.09
N1 FMN C . -11.09 -6.00 8.98
C2 FMN C . -12.23 -6.70 8.69
O2 FMN C . -12.93 -6.35 7.74
N3 FMN C . -12.56 -7.82 9.45
C4 FMN C . -11.77 -8.22 10.50
O4 FMN C . -12.22 -9.05 11.32
C4A FMN C . -10.62 -7.50 10.80
N5 FMN C . -9.81 -7.88 11.85
C5A FMN C . -8.69 -7.14 12.17
C6 FMN C . -7.88 -7.52 13.25
C7 FMN C . -6.75 -6.77 13.56
C7M FMN C . -6.21 -6.87 14.97
C8 FMN C . -6.43 -5.64 12.78
C8M FMN C . -5.41 -4.63 13.24
C9 FMN C . -7.24 -5.28 11.72
C9A FMN C . -8.37 -6.03 11.40
N10 FMN C . -9.17 -5.67 10.33
C10 FMN C . -10.30 -6.39 10.03
C1' FMN C . -8.81 -4.53 9.43
C2' FMN C . -9.38 -3.27 10.07
O2' FMN C . -10.77 -3.37 10.16
C3' FMN C . -8.98 -2.03 9.29
O3' FMN C . -9.51 -2.16 8.00
C4' FMN C . -7.47 -1.86 9.15
O4' FMN C . -6.81 -2.24 10.34
C5' FMN C . -7.11 -0.41 8.77
O5' FMN C . -7.52 0.46 9.81
P FMN C . -6.47 1.06 10.89
O1P FMN C . -5.40 1.78 10.15
O2P FMN C . -5.84 -0.10 11.64
O3P FMN C . -7.27 1.97 11.76
N1 ORO D . -7.11 -8.99 9.42
C2 ORO D . -7.21 -7.90 8.63
O2 ORO D . -6.26 -7.06 8.65
N3 ORO D . -8.31 -7.75 7.85
C4 ORO D . -9.29 -8.67 7.82
O4 ORO D . -10.32 -8.55 7.09
C5 ORO D . -9.20 -9.79 8.63
C6 ORO D . -8.07 -9.92 9.44
C7 ORO D . -7.91 -11.11 10.31
O71 ORO D . -8.91 -11.62 10.85
O72 ORO D . -6.75 -11.57 10.40
C1 GOL E . 9.48 -1.68 11.37
O1 GOL E . 9.64 -0.74 12.42
C2 GOL E . 10.50 -1.46 10.25
O2 GOL E . 10.55 -0.09 9.96
C3 GOL E . 10.03 -2.18 8.98
O3 GOL E . 10.39 -3.54 9.02
C1 GOL F . 1.83 7.05 15.83
O1 GOL F . 1.30 5.85 15.31
C2 GOL F . 0.74 8.02 16.29
O2 GOL F . -0.03 7.42 17.31
C3 GOL F . -0.12 8.47 15.11
O3 GOL F . -0.55 9.80 15.24
N1 FMN G . 10.21 4.86 -10.67
C2 FMN G . 10.49 4.43 -11.95
O2 FMN G . 10.55 3.22 -12.16
N3 FMN G . 10.67 5.36 -12.97
C4 FMN G . 10.60 6.72 -12.71
O4 FMN G . 11.07 7.52 -13.51
C4A FMN G . 10.33 7.14 -11.40
N5 FMN G . 10.26 8.48 -11.09
C5A FMN G . 10.03 8.89 -9.80
C6 FMN G . 9.98 10.25 -9.51
C7 FMN G . 9.74 10.67 -8.19
C7M FMN G . 10.00 12.11 -7.84
C8 FMN G . 9.55 9.71 -7.17
C8M FMN G . 9.50 10.12 -5.72
C9 FMN G . 9.60 8.36 -7.47
C9A FMN G . 9.85 7.94 -8.78
N10 FMN G . 9.90 6.60 -9.09
C10 FMN G . 10.15 6.20 -10.39
C1' FMN G . 9.59 5.56 -8.05
C2' FMN G . 10.92 5.32 -7.33
O2' FMN G . 11.86 4.81 -8.26
C3' FMN G . 10.71 4.34 -6.18
O3' FMN G . 10.25 3.13 -6.71
C4' FMN G . 9.69 4.86 -5.16
O4' FMN G . 9.85 6.25 -4.93
C5' FMN G . 9.86 4.10 -3.84
O5' FMN G . 11.15 4.35 -3.33
P FMN G . 11.40 5.38 -2.11
O1P FMN G . 10.54 4.98 -0.94
O2P FMN G . 10.93 6.75 -2.57
O3P FMN G . 12.86 5.37 -1.78
N1 ORO H . 6.43 8.08 -10.67
C2 ORO H . 6.55 6.96 -9.92
O2 ORO H . 6.31 7.05 -8.68
N3 ORO H . 6.93 5.79 -10.50
C4 ORO H . 7.19 5.71 -11.82
O4 ORO H . 7.54 4.62 -12.37
C5 ORO H . 7.08 6.85 -12.62
C6 ORO H . 6.68 8.04 -12.00
C7 ORO H . 6.52 9.30 -12.79
O71 ORO H . 7.36 9.63 -13.64
O72 ORO H . 5.49 9.96 -12.54
C1 GOL I . -0.22 13.79 5.29
O1 GOL I . 0.62 14.49 6.19
C2 GOL I . -1.49 13.33 5.98
O2 GOL I . -1.13 12.55 7.10
C3 GOL I . -2.32 12.45 5.03
O3 GOL I . -3.15 13.28 4.23
C1 GOL J . 10.86 10.35 7.59
O1 GOL J . 10.44 10.58 6.26
C2 GOL J . 12.25 9.75 7.64
O2 GOL J . 13.13 10.81 7.88
C3 GOL J . 12.41 8.75 8.79
O3 GOL J . 13.24 7.67 8.41
#